data_1JQE
#
_entry.id   1JQE
#
_cell.length_a   130.340
_cell.length_b   130.340
_cell.length_c   63.010
_cell.angle_alpha   90.00
_cell.angle_beta   90.00
_cell.angle_gamma   120.00
#
_symmetry.space_group_name_H-M   'P 6'
#
loop_
_entity.id
_entity.type
_entity.pdbx_description
1 polymer 'Histamine N-Methyltransferase'
2 non-polymer S-ADENOSYL-L-HOMOCYSTEINE
3 non-polymer QUINACRINE
4 non-polymer 'UNKNOWN ATOM OR ION'
5 water water
#
_entity_poly.entity_id   1
_entity_poly.type   'polypeptide(L)'
_entity_poly.pdbx_seq_one_letter_code
;MASSMRSLFSDHGKYVESFRRFLNHSTEHQCMQEFMDKKLPGIIGRIGDTKSEIKILSIGGGAGEIDLQILSKVQAQYPG
VCINNEVVEPSAEQIAKYKELVAKISNLENVKFAWHKETSSEYQSRMLEKKELQKWDFIHMIQMLYYVKDIPATLKFFHS
LLGTNAKMLIIVVSGSSGWDKLWKKYGSRFPQDDLCQYITSDDLTQMLDNLGLKYECYDLLSTMDISDCFIDGNENGDLL
WDFLTETCNFNATAPPDLRAELGKDLQEPEFSAKKEGKVLFNNTLSFIVIEA
;
_entity_poly.pdbx_strand_id   A,B
#
loop_
_chem_comp.id
_chem_comp.type
_chem_comp.name
_chem_comp.formula
QUN non-polymer QUINACRINE 'C23 H30 Cl N3 O'
UNX non-polymer 'UNKNOWN ATOM OR ION' ?
#
# COMPACT_ATOMS: atom_id res chain seq x y z
N GLY A 13 9.03 -14.37 5.31
CA GLY A 13 7.69 -14.41 5.93
C GLY A 13 7.76 -14.49 7.45
N LYS A 14 8.77 -15.20 7.94
CA LYS A 14 8.94 -15.34 9.38
C LYS A 14 9.55 -14.10 10.01
N TYR A 15 10.34 -13.36 9.25
CA TYR A 15 10.94 -12.14 9.77
C TYR A 15 9.86 -11.21 10.29
N VAL A 16 8.84 -10.96 9.48
CA VAL A 16 7.75 -10.07 9.88
C VAL A 16 6.93 -10.64 11.03
N GLU A 17 6.60 -11.93 10.95
CA GLU A 17 5.83 -12.58 12.00
C GLU A 17 6.64 -12.61 13.29
N SER A 18 7.94 -12.82 13.15
CA SER A 18 8.84 -12.86 14.31
C SER A 18 8.86 -11.50 15.00
N PHE A 19 8.93 -10.43 14.21
CA PHE A 19 8.96 -9.09 14.76
C PHE A 19 7.64 -8.78 15.46
N ARG A 20 6.53 -9.25 14.88
CA ARG A 20 5.23 -9.00 15.48
C ARG A 20 5.15 -9.68 16.84
N ARG A 21 5.73 -10.88 16.94
CA ARG A 21 5.73 -11.60 18.22
C ARG A 21 6.54 -10.80 19.22
N PHE A 22 7.64 -10.22 18.77
CA PHE A 22 8.49 -9.41 19.64
C PHE A 22 7.69 -8.21 20.15
N LEU A 23 7.02 -7.52 19.23
CA LEU A 23 6.21 -6.35 19.60
C LEU A 23 5.16 -6.77 20.62
N ASN A 24 4.52 -7.91 20.38
CA ASN A 24 3.48 -8.42 21.27
C ASN A 24 4.03 -8.77 22.66
N HIS A 25 5.33 -8.96 22.76
CA HIS A 25 5.94 -9.30 24.04
C HIS A 25 6.98 -8.29 24.52
N SER A 26 6.77 -7.03 24.16
CA SER A 26 7.67 -5.95 24.55
C SER A 26 6.88 -4.66 24.67
N THR A 27 7.48 -3.65 25.28
CA THR A 27 6.83 -2.37 25.45
C THR A 27 7.40 -1.40 24.42
N GLU A 28 7.95 -1.96 23.34
CA GLU A 28 8.56 -1.15 22.29
C GLU A 28 7.66 -0.06 21.73
N HIS A 29 6.51 -0.44 21.17
CA HIS A 29 5.62 0.56 20.60
C HIS A 29 5.04 1.51 21.65
N GLN A 30 4.91 1.01 22.88
CA GLN A 30 4.39 1.82 23.98
C GLN A 30 5.45 2.88 24.30
N CYS A 31 6.70 2.46 24.29
CA CYS A 31 7.82 3.35 24.55
C CYS A 31 7.84 4.44 23.48
N MET A 32 7.76 4.02 22.22
CA MET A 32 7.76 4.98 21.12
C MET A 32 6.58 5.92 21.25
N GLN A 33 5.42 5.39 21.62
CA GLN A 33 4.22 6.21 21.78
C GLN A 33 4.48 7.27 22.85
N GLU A 34 5.18 6.87 23.91
CA GLU A 34 5.50 7.80 24.99
C GLU A 34 6.36 8.92 24.41
N PHE A 35 7.32 8.55 23.56
CA PHE A 35 8.19 9.53 22.94
C PHE A 35 7.39 10.44 22.02
N MET A 36 6.52 9.85 21.20
CA MET A 36 5.70 10.62 20.26
C MET A 36 4.78 11.59 20.98
N ASP A 37 4.28 11.18 22.14
CA ASP A 37 3.38 12.01 22.94
C ASP A 37 4.11 13.14 23.66
N LYS A 38 5.28 12.84 24.21
CA LYS A 38 6.04 13.81 24.96
C LYS A 38 7.09 14.63 24.22
N LYS A 39 7.84 14.00 23.34
CA LYS A 39 8.91 14.68 22.63
C LYS A 39 8.68 15.09 21.18
N LEU A 40 7.94 14.28 20.42
CA LEU A 40 7.73 14.58 19.01
C LEU A 40 7.17 15.97 18.70
N PRO A 41 6.08 16.38 19.38
CA PRO A 41 5.49 17.70 19.13
C PRO A 41 6.51 18.82 19.03
N GLY A 42 7.41 18.90 20.01
CA GLY A 42 8.42 19.93 19.99
C GLY A 42 9.37 19.75 18.82
N ILE A 43 9.72 18.50 18.56
CA ILE A 43 10.63 18.16 17.47
C ILE A 43 10.10 18.54 16.09
N ILE A 44 8.80 18.35 15.87
CA ILE A 44 8.21 18.67 14.57
C ILE A 44 7.47 20.01 14.58
N GLY A 45 7.69 20.79 15.64
CA GLY A 45 7.03 22.07 15.78
C GLY A 45 7.25 23.10 14.69
N ARG A 46 8.27 22.94 13.87
CA ARG A 46 8.52 23.92 12.81
C ARG A 46 8.73 23.35 11.42
N ILE A 47 8.66 22.03 11.28
CA ILE A 47 8.87 21.41 9.98
C ILE A 47 7.86 21.86 8.93
N GLY A 48 6.70 22.34 9.39
CA GLY A 48 5.68 22.76 8.44
C GLY A 48 5.58 24.27 8.24
N ASP A 49 6.35 25.04 9.00
CA ASP A 49 6.30 26.50 8.88
C ASP A 49 6.51 26.98 7.45
N THR A 50 5.60 27.86 7.00
CA THR A 50 5.60 28.46 5.67
C THR A 50 5.19 27.53 4.54
N LYS A 51 4.83 26.30 4.88
CA LYS A 51 4.46 25.33 3.84
C LYS A 51 2.97 24.99 3.75
N SER A 52 2.48 24.84 2.53
CA SER A 52 1.07 24.48 2.31
C SER A 52 0.96 22.98 2.10
N GLU A 53 2.09 22.30 2.22
CA GLU A 53 2.13 20.84 2.10
C GLU A 53 3.30 20.33 2.92
N ILE A 54 3.05 19.32 3.74
CA ILE A 54 4.10 18.76 4.58
C ILE A 54 4.41 17.36 4.06
N LYS A 55 5.66 17.17 3.66
CA LYS A 55 6.09 15.89 3.10
C LYS A 55 6.82 15.05 4.15
N ILE A 56 6.27 13.88 4.43
CA ILE A 56 6.86 12.99 5.40
C ILE A 56 7.33 11.73 4.69
N LEU A 57 8.58 11.35 4.91
CA LEU A 57 9.13 10.16 4.28
C LEU A 57 9.40 9.10 5.35
N SER A 58 8.67 7.99 5.26
CA SER A 58 8.81 6.90 6.21
C SER A 58 9.64 5.78 5.59
N ILE A 59 10.82 5.54 6.15
CA ILE A 59 11.67 4.49 5.62
C ILE A 59 11.49 3.29 6.53
N GLY A 60 11.06 2.16 5.96
CA GLY A 60 10.83 0.97 6.76
C GLY A 60 9.67 1.14 7.71
N GLY A 61 8.63 1.83 7.26
CA GLY A 61 7.46 2.08 8.08
C GLY A 61 6.70 0.86 8.58
N GLY A 62 7.01 -0.32 8.02
CA GLY A 62 6.36 -1.53 8.47
C GLY A 62 4.83 -1.55 8.39
N ALA A 63 4.18 -1.91 9.50
CA ALA A 63 2.73 -2.00 9.58
C ALA A 63 2.02 -0.65 9.79
N GLY A 64 2.79 0.41 9.95
CA GLY A 64 2.23 1.74 10.09
C GLY A 64 1.77 2.29 11.43
N GLU A 65 1.76 1.48 12.49
CA GLU A 65 1.31 1.97 13.79
C GLU A 65 2.03 3.25 14.24
N ILE A 66 3.36 3.22 14.25
CA ILE A 66 4.13 4.39 14.67
C ILE A 66 3.98 5.52 13.66
N ASP A 67 3.99 5.19 12.38
CA ASP A 67 3.84 6.21 11.35
C ASP A 67 2.58 7.05 11.58
N LEU A 68 1.49 6.37 11.90
CA LEU A 68 0.21 7.04 12.14
C LEU A 68 0.20 7.91 13.39
N GLN A 69 0.99 7.53 14.40
CA GLN A 69 1.07 8.34 15.61
C GLN A 69 1.87 9.59 15.30
N ILE A 70 2.87 9.43 14.43
CA ILE A 70 3.69 10.55 14.02
C ILE A 70 2.82 11.51 13.24
N LEU A 71 2.03 10.97 12.32
CA LEU A 71 1.12 11.80 11.51
C LEU A 71 0.10 12.55 12.35
N SER A 72 -0.42 11.90 13.38
CA SER A 72 -1.40 12.56 14.24
C SER A 72 -0.78 13.81 14.87
N LYS A 73 0.47 13.70 15.31
CA LYS A 73 1.14 14.84 15.92
C LYS A 73 1.40 15.96 14.91
N VAL A 74 1.76 15.60 13.68
CA VAL A 74 2.01 16.63 12.67
C VAL A 74 0.68 17.30 12.30
N GLN A 75 -0.38 16.50 12.18
CA GLN A 75 -1.69 17.05 11.85
C GLN A 75 -2.17 18.00 12.94
N ALA A 76 -1.90 17.64 14.18
CA ALA A 76 -2.28 18.47 15.33
C ALA A 76 -1.53 19.80 15.33
N GLN A 77 -0.26 19.77 14.94
CA GLN A 77 0.57 20.96 14.90
C GLN A 77 0.24 21.86 13.71
N TYR A 78 -0.20 21.25 12.60
CA TYR A 78 -0.53 22.01 11.39
C TYR A 78 -1.93 21.68 10.87
N PRO A 79 -2.96 22.10 11.61
CA PRO A 79 -4.33 21.83 11.16
C PRO A 79 -4.65 22.39 9.77
N GLY A 80 -5.32 21.58 8.97
CA GLY A 80 -5.69 22.01 7.63
C GLY A 80 -4.64 21.81 6.57
N VAL A 81 -3.39 21.61 6.98
CA VAL A 81 -2.32 21.44 6.02
C VAL A 81 -2.26 20.01 5.47
N CYS A 82 -2.24 19.90 4.14
CA CYS A 82 -2.17 18.62 3.48
C CYS A 82 -0.82 17.96 3.79
N ILE A 83 -0.87 16.68 4.14
CA ILE A 83 0.34 15.94 4.45
C ILE A 83 0.53 14.80 3.47
N ASN A 84 1.71 14.73 2.89
CA ASN A 84 2.03 13.65 1.96
C ASN A 84 2.96 12.72 2.72
N ASN A 85 2.45 11.53 3.03
CA ASN A 85 3.20 10.54 3.78
C ASN A 85 3.61 9.42 2.84
N GLU A 86 4.87 9.43 2.40
CA GLU A 86 5.32 8.40 1.50
C GLU A 86 6.15 7.37 2.25
N VAL A 87 5.87 6.12 1.97
CA VAL A 87 6.53 5.02 2.68
C VAL A 87 7.38 4.16 1.77
N VAL A 88 8.61 3.90 2.23
CA VAL A 88 9.55 3.05 1.51
C VAL A 88 9.61 1.80 2.38
N GLU A 89 8.92 0.74 1.94
CA GLU A 89 8.84 -0.50 2.69
C GLU A 89 8.90 -1.67 1.70
N PRO A 90 9.94 -2.51 1.79
CA PRO A 90 10.10 -3.65 0.88
C PRO A 90 9.18 -4.86 1.10
N SER A 91 8.57 -4.95 2.28
CA SER A 91 7.69 -6.07 2.60
C SER A 91 6.23 -5.87 2.17
N ALA A 92 5.76 -6.73 1.27
CA ALA A 92 4.39 -6.68 0.80
C ALA A 92 3.45 -6.90 1.97
N GLU A 93 3.83 -7.83 2.85
CA GLU A 93 3.03 -8.16 4.03
C GLU A 93 2.89 -6.92 4.93
N GLN A 94 3.99 -6.19 5.13
CA GLN A 94 3.94 -4.99 5.95
C GLN A 94 3.03 -3.94 5.30
N ILE A 95 3.21 -3.72 4.00
CA ILE A 95 2.40 -2.75 3.29
C ILE A 95 0.91 -3.10 3.38
N ALA A 96 0.58 -4.37 3.24
CA ALA A 96 -0.81 -4.81 3.32
C ALA A 96 -1.41 -4.45 4.69
N LYS A 97 -0.66 -4.73 5.75
CA LYS A 97 -1.13 -4.42 7.10
C LYS A 97 -1.27 -2.92 7.28
N TYR A 98 -0.28 -2.19 6.77
CA TYR A 98 -0.27 -0.73 6.85
C TYR A 98 -1.54 -0.19 6.19
N LYS A 99 -1.83 -0.66 4.99
CA LYS A 99 -3.01 -0.20 4.27
C LYS A 99 -4.29 -0.56 5.00
N GLU A 100 -4.30 -1.74 5.63
CA GLU A 100 -5.47 -2.19 6.39
C GLU A 100 -5.74 -1.25 7.54
N LEU A 101 -4.67 -0.83 8.21
CA LEU A 101 -4.79 0.07 9.34
C LEU A 101 -5.34 1.42 8.88
N VAL A 102 -4.72 2.00 7.85
CA VAL A 102 -5.16 3.29 7.32
C VAL A 102 -6.64 3.25 6.95
N ALA A 103 -7.07 2.14 6.34
CA ALA A 103 -8.47 1.97 5.93
C ALA A 103 -9.44 1.98 7.11
N LYS A 104 -8.93 1.79 8.33
CA LYS A 104 -9.76 1.78 9.53
C LYS A 104 -9.78 3.13 10.22
N ILE A 105 -8.88 4.01 9.81
CA ILE A 105 -8.76 5.33 10.41
C ILE A 105 -9.59 6.39 9.69
N SER A 106 -10.12 7.35 10.46
CA SER A 106 -10.92 8.43 9.89
C SER A 106 -10.48 9.79 10.44
N ASN A 107 -9.50 9.80 11.33
CA ASN A 107 -9.03 11.05 11.91
C ASN A 107 -7.72 11.57 11.31
N LEU A 108 -7.48 11.20 10.05
CA LEU A 108 -6.29 11.64 9.33
C LEU A 108 -6.72 12.08 7.94
N GLU A 109 -7.69 12.99 7.90
CA GLU A 109 -8.24 13.51 6.64
C GLU A 109 -7.30 14.35 5.77
N ASN A 110 -6.36 15.06 6.36
CA ASN A 110 -5.45 15.89 5.55
C ASN A 110 -4.21 15.12 5.12
N VAL A 111 -4.28 13.80 5.13
CA VAL A 111 -3.12 13.00 4.75
C VAL A 111 -3.29 12.15 3.50
N LYS A 112 -2.29 12.20 2.61
CA LYS A 112 -2.27 11.39 1.39
C LYS A 112 -1.17 10.36 1.60
N PHE A 113 -1.49 9.07 1.40
CA PHE A 113 -0.49 8.02 1.58
C PHE A 113 -0.01 7.45 0.24
N ALA A 114 1.25 7.03 0.22
CA ALA A 114 1.83 6.42 -0.97
C ALA A 114 2.78 5.33 -0.45
N TRP A 115 2.65 4.12 -0.98
CA TRP A 115 3.52 3.03 -0.57
C TRP A 115 4.40 2.59 -1.74
N HIS A 116 5.69 2.50 -1.49
CA HIS A 116 6.65 2.09 -2.50
C HIS A 116 7.29 0.82 -1.97
N LYS A 117 7.07 -0.29 -2.67
CA LYS A 117 7.63 -1.55 -2.22
C LYS A 117 9.07 -1.65 -2.73
N GLU A 118 9.99 -1.18 -1.89
CA GLU A 118 11.41 -1.18 -2.24
C GLU A 118 12.20 -0.88 -0.98
N THR A 119 13.51 -1.11 -1.03
CA THR A 119 14.38 -0.85 0.10
C THR A 119 14.83 0.61 0.02
N SER A 120 15.44 1.11 1.08
CA SER A 120 15.89 2.50 1.07
C SER A 120 16.99 2.69 0.03
N SER A 121 17.79 1.66 -0.20
CA SER A 121 18.88 1.73 -1.17
C SER A 121 18.34 1.84 -2.60
N GLU A 122 17.28 1.10 -2.89
CA GLU A 122 16.66 1.15 -4.21
C GLU A 122 16.04 2.53 -4.39
N TYR A 123 15.41 3.03 -3.33
CA TYR A 123 14.80 4.34 -3.36
C TYR A 123 15.89 5.37 -3.66
N GLN A 124 17.00 5.25 -2.94
CA GLN A 124 18.14 6.15 -3.10
C GLN A 124 18.67 6.12 -4.54
N SER A 125 18.95 4.92 -5.03
CA SER A 125 19.46 4.75 -6.38
C SER A 125 18.57 5.43 -7.42
N ARG A 126 17.26 5.22 -7.29
CA ARG A 126 16.30 5.80 -8.21
C ARG A 126 16.17 7.31 -8.14
N MET A 127 16.08 7.86 -6.94
CA MET A 127 15.97 9.31 -6.82
C MET A 127 17.17 9.93 -7.48
N LEU A 128 18.30 9.21 -7.45
CA LEU A 128 19.53 9.69 -8.06
C LEU A 128 19.50 9.41 -9.57
N GLU A 129 18.34 9.00 -10.05
CA GLU A 129 18.16 8.73 -11.47
C GLU A 129 17.40 9.90 -12.07
N LYS A 130 17.49 11.05 -11.41
CA LYS A 130 16.82 12.27 -11.84
C LYS A 130 17.76 13.47 -11.81
N LYS A 131 17.22 14.65 -12.12
CA LYS A 131 18.01 15.86 -12.14
C LYS A 131 17.98 16.60 -10.81
N GLU A 132 16.86 16.54 -10.12
CA GLU A 132 16.72 17.21 -8.83
C GLU A 132 16.30 16.25 -7.72
N LEU A 133 16.94 16.41 -6.56
CA LEU A 133 16.63 15.58 -5.40
C LEU A 133 15.35 16.10 -4.77
N GLN A 134 14.42 15.19 -4.48
CA GLN A 134 13.15 15.57 -3.87
C GLN A 134 13.38 15.84 -2.38
N LYS A 135 12.93 16.99 -1.90
CA LYS A 135 13.10 17.36 -0.50
C LYS A 135 11.92 16.94 0.38
N TRP A 136 12.22 16.68 1.66
CA TRP A 136 11.20 16.27 2.61
C TRP A 136 11.28 17.10 3.88
N ASP A 137 10.15 17.17 4.58
CA ASP A 137 10.06 17.96 5.79
C ASP A 137 10.31 17.15 7.06
N PHE A 138 10.10 15.84 6.95
CA PHE A 138 10.35 14.95 8.07
C PHE A 138 10.66 13.59 7.47
N ILE A 139 11.77 13.01 7.91
CA ILE A 139 12.17 11.70 7.43
C ILE A 139 12.44 10.85 8.67
N HIS A 140 11.89 9.65 8.70
CA HIS A 140 12.15 8.80 9.84
C HIS A 140 12.51 7.40 9.40
N MET A 141 13.42 6.78 10.16
CA MET A 141 13.92 5.44 9.91
C MET A 141 13.87 4.77 11.27
N ILE A 142 12.75 4.14 11.54
CA ILE A 142 12.52 3.53 12.85
C ILE A 142 12.74 2.04 12.90
N GLN A 143 13.75 1.65 13.68
CA GLN A 143 14.09 0.25 13.87
C GLN A 143 14.34 -0.47 12.56
N MET A 144 15.03 0.18 11.63
CA MET A 144 15.29 -0.45 10.34
C MET A 144 16.72 -0.32 9.82
N LEU A 145 17.53 0.53 10.43
CA LEU A 145 18.90 0.69 9.94
C LEU A 145 19.73 -0.59 10.03
N TYR A 146 19.26 -1.56 10.83
CA TYR A 146 19.99 -2.82 10.96
C TYR A 146 20.01 -3.54 9.63
N TYR A 147 19.04 -3.23 8.76
CA TYR A 147 18.93 -3.91 7.49
C TYR A 147 19.49 -3.16 6.30
N VAL A 148 20.19 -2.07 6.57
CA VAL A 148 20.80 -1.27 5.51
C VAL A 148 22.24 -1.70 5.35
N LYS A 149 22.69 -1.86 4.11
CA LYS A 149 24.05 -2.28 3.85
C LYS A 149 25.08 -1.19 4.17
N ASP A 150 24.83 0.00 3.65
CA ASP A 150 25.74 1.13 3.83
C ASP A 150 25.05 2.23 4.65
N ILE A 151 25.21 2.17 5.97
CA ILE A 151 24.58 3.14 6.85
C ILE A 151 25.09 4.57 6.68
N PRO A 152 26.42 4.78 6.67
CA PRO A 152 26.87 6.17 6.49
C PRO A 152 26.35 6.81 5.20
N ALA A 153 26.34 6.05 4.12
CA ALA A 153 25.85 6.59 2.85
C ALA A 153 24.35 6.85 2.95
N THR A 154 23.64 5.97 3.65
CA THR A 154 22.20 6.13 3.83
C THR A 154 21.91 7.36 4.66
N LEU A 155 22.65 7.54 5.76
CA LEU A 155 22.45 8.70 6.61
C LEU A 155 22.75 10.00 5.86
N LYS A 156 23.86 10.02 5.12
CA LYS A 156 24.23 11.21 4.38
C LYS A 156 23.21 11.52 3.29
N PHE A 157 22.75 10.49 2.59
CA PHE A 157 21.77 10.71 1.52
C PHE A 157 20.44 11.27 2.04
N PHE A 158 19.82 10.60 3.01
CA PHE A 158 18.55 11.10 3.49
C PHE A 158 18.68 12.44 4.17
N HIS A 159 19.80 12.70 4.81
CA HIS A 159 19.98 14.01 5.44
C HIS A 159 19.99 15.06 4.34
N SER A 160 20.56 14.71 3.18
CA SER A 160 20.64 15.65 2.06
C SER A 160 19.26 15.95 1.46
N LEU A 161 18.27 15.12 1.78
CA LEU A 161 16.92 15.33 1.27
C LEU A 161 16.06 16.21 2.19
N LEU A 162 16.62 16.63 3.32
CA LEU A 162 15.89 17.45 4.26
C LEU A 162 15.72 18.89 3.77
N GLY A 163 14.48 19.36 3.77
CA GLY A 163 14.21 20.72 3.34
C GLY A 163 14.49 21.68 4.46
N THR A 164 14.04 22.92 4.31
CA THR A 164 14.25 23.94 5.32
C THR A 164 13.51 23.61 6.62
N ASN A 165 14.23 23.68 7.74
CA ASN A 165 13.64 23.41 9.05
C ASN A 165 13.19 21.96 9.20
N ALA A 166 13.60 21.10 8.28
CA ALA A 166 13.22 19.70 8.34
C ALA A 166 14.05 18.92 9.35
N LYS A 167 13.53 17.78 9.77
CA LYS A 167 14.26 16.93 10.71
C LYS A 167 14.17 15.48 10.29
N MET A 168 15.15 14.70 10.74
CA MET A 168 15.18 13.28 10.45
C MET A 168 15.29 12.56 11.79
N LEU A 169 14.38 11.61 11.99
CA LEU A 169 14.35 10.84 13.23
C LEU A 169 14.76 9.41 12.96
N ILE A 170 15.72 8.93 13.75
CA ILE A 170 16.18 7.55 13.60
C ILE A 170 16.05 6.89 14.96
N ILE A 171 15.56 5.66 14.97
CA ILE A 171 15.42 4.93 16.21
C ILE A 171 16.08 3.56 16.07
N VAL A 172 16.90 3.22 17.06
CA VAL A 172 17.59 1.94 17.12
C VAL A 172 17.77 1.67 18.60
N VAL A 173 18.14 0.43 18.95
CA VAL A 173 18.35 0.11 20.36
C VAL A 173 19.55 0.89 20.87
N SER A 174 19.52 1.22 22.15
CA SER A 174 20.58 1.99 22.77
C SER A 174 21.82 1.16 23.07
N GLY A 175 22.96 1.84 23.07
CA GLY A 175 24.22 1.17 23.37
C GLY A 175 24.21 0.67 24.81
N SER A 176 23.20 1.09 25.58
CA SER A 176 23.10 0.66 26.97
C SER A 176 22.03 -0.42 27.13
N SER A 177 21.46 -0.87 26.02
CA SER A 177 20.43 -1.90 26.07
C SER A 177 21.04 -3.27 26.30
N GLY A 178 20.18 -4.27 26.52
CA GLY A 178 20.66 -5.63 26.71
C GLY A 178 21.18 -6.16 25.39
N TRP A 179 20.68 -5.60 24.29
CA TRP A 179 21.12 -6.02 22.97
C TRP A 179 22.62 -5.78 22.83
N ASP A 180 23.06 -4.62 23.30
CA ASP A 180 24.47 -4.27 23.22
C ASP A 180 25.35 -5.31 23.93
N LYS A 181 24.93 -5.74 25.11
CA LYS A 181 25.69 -6.73 25.86
C LYS A 181 25.62 -8.09 25.19
N LEU A 182 24.47 -8.40 24.62
CA LEU A 182 24.28 -9.68 23.94
C LEU A 182 25.16 -9.80 22.70
N TRP A 183 25.15 -8.77 21.87
CA TRP A 183 25.95 -8.78 20.65
C TRP A 183 27.45 -8.76 20.90
N LYS A 184 27.90 -7.98 21.88
CA LYS A 184 29.32 -7.91 22.18
C LYS A 184 29.86 -9.26 22.66
N LYS A 185 29.11 -9.94 23.51
CA LYS A 185 29.55 -11.21 24.04
C LYS A 185 29.29 -12.41 23.13
N TYR A 186 28.07 -12.50 22.60
CA TYR A 186 27.71 -13.64 21.74
C TYR A 186 27.65 -13.34 20.24
N GLY A 187 27.71 -12.07 19.88
CA GLY A 187 27.64 -11.69 18.49
C GLY A 187 28.30 -12.65 17.50
N SER A 188 29.60 -12.87 17.66
CA SER A 188 30.35 -13.74 16.76
C SER A 188 29.84 -15.18 16.70
N ARG A 189 29.25 -15.68 17.79
CA ARG A 189 28.75 -17.04 17.82
C ARG A 189 27.41 -17.17 17.10
N PHE A 190 26.76 -16.03 16.85
CA PHE A 190 25.47 -16.01 16.16
C PHE A 190 25.67 -15.98 14.65
N PRO A 191 24.63 -16.35 13.89
CA PRO A 191 24.74 -16.34 12.42
C PRO A 191 24.98 -14.95 11.87
N GLN A 192 26.23 -14.66 11.51
CA GLN A 192 26.58 -13.36 10.95
C GLN A 192 25.90 -13.19 9.61
N ASP A 193 25.71 -11.94 9.18
CA ASP A 193 25.05 -11.68 7.91
C ASP A 193 24.92 -10.18 7.67
N ASP A 194 25.31 -9.73 6.47
CA ASP A 194 25.23 -8.32 6.12
C ASP A 194 23.78 -7.85 6.05
N LEU A 195 22.87 -8.81 5.87
CA LEU A 195 21.45 -8.53 5.79
C LEU A 195 20.93 -7.95 7.11
N CYS A 196 21.71 -8.14 8.18
CA CYS A 196 21.31 -7.65 9.49
C CYS A 196 22.53 -7.27 10.32
N GLN A 197 22.68 -5.98 10.59
CA GLN A 197 23.81 -5.50 11.37
C GLN A 197 23.45 -5.31 12.84
N TYR A 198 24.39 -5.67 13.70
CA TYR A 198 24.22 -5.54 15.14
C TYR A 198 24.69 -4.16 15.56
N ILE A 199 23.91 -3.13 15.24
CA ILE A 199 24.30 -1.78 15.61
C ILE A 199 23.40 -1.17 16.68
N THR A 200 23.96 -0.27 17.47
CA THR A 200 23.21 0.41 18.53
C THR A 200 23.38 1.90 18.29
N SER A 201 22.85 2.71 19.20
CA SER A 201 22.96 4.16 19.07
C SER A 201 24.42 4.59 19.13
N ASP A 202 25.27 3.81 19.79
CA ASP A 202 26.70 4.15 19.88
C ASP A 202 27.33 4.13 18.49
N ASP A 203 26.96 3.14 17.69
CA ASP A 203 27.50 3.03 16.34
C ASP A 203 26.96 4.18 15.50
N LEU A 204 25.67 4.45 15.63
CA LEU A 204 25.04 5.52 14.87
C LEU A 204 25.57 6.92 15.22
N THR A 205 25.75 7.21 16.51
CA THR A 205 26.24 8.54 16.88
C THR A 205 27.66 8.74 16.38
N GLN A 206 28.45 7.67 16.38
CA GLN A 206 29.83 7.77 15.89
C GLN A 206 29.83 8.06 14.40
N MET A 207 28.95 7.39 13.66
CA MET A 207 28.87 7.61 12.22
C MET A 207 28.37 9.02 11.94
N LEU A 208 27.40 9.49 12.72
CA LEU A 208 26.88 10.84 12.54
C LEU A 208 27.95 11.87 12.86
N ASP A 209 28.69 11.63 13.94
CA ASP A 209 29.78 12.54 14.33
C ASP A 209 30.78 12.63 13.20
N ASN A 210 31.14 11.49 12.63
CA ASN A 210 32.10 11.46 11.53
C ASN A 210 31.53 12.12 10.28
N LEU A 211 30.21 12.03 10.11
CA LEU A 211 29.58 12.65 8.95
C LEU A 211 29.44 14.15 9.16
N GLY A 212 29.67 14.60 10.39
CA GLY A 212 29.57 16.02 10.69
C GLY A 212 28.14 16.51 10.79
N LEU A 213 27.22 15.60 11.07
CA LEU A 213 25.81 15.96 11.19
C LEU A 213 25.44 16.31 12.62
N LYS A 214 24.60 17.32 12.78
CA LYS A 214 24.16 17.76 14.10
C LYS A 214 22.93 16.95 14.51
N TYR A 215 22.93 16.47 15.75
CA TYR A 215 21.81 15.67 16.24
C TYR A 215 21.68 15.72 17.76
N GLU A 216 20.54 15.24 18.23
CA GLU A 216 20.26 15.14 19.65
C GLU A 216 19.82 13.69 19.83
N CYS A 217 20.25 13.05 20.92
CA CYS A 217 19.89 11.67 21.17
C CYS A 217 19.18 11.53 22.51
N TYR A 218 18.03 10.86 22.50
CA TYR A 218 17.26 10.64 23.73
C TYR A 218 17.04 9.13 23.94
N ASP A 219 17.36 8.64 25.13
CA ASP A 219 17.19 7.23 25.45
C ASP A 219 15.95 7.03 26.31
N LEU A 220 15.20 5.98 26.01
CA LEU A 220 14.00 5.65 26.77
C LEU A 220 13.99 4.17 27.09
N LEU A 221 13.76 3.84 28.36
CA LEU A 221 13.72 2.45 28.77
C LEU A 221 12.54 1.74 28.13
N SER A 222 12.78 0.51 27.69
CA SER A 222 11.77 -0.34 27.09
C SER A 222 12.20 -1.74 27.47
N THR A 223 11.26 -2.67 27.56
CA THR A 223 11.60 -4.03 27.92
C THR A 223 10.96 -5.07 27.03
N MET A 224 11.61 -6.22 26.97
CA MET A 224 11.13 -7.35 26.19
C MET A 224 10.83 -8.46 27.20
N ASP A 225 9.57 -8.85 27.32
CA ASP A 225 9.20 -9.90 28.27
C ASP A 225 9.68 -11.24 27.73
N ILE A 226 10.79 -11.74 28.26
CA ILE A 226 11.34 -13.01 27.83
C ILE A 226 11.08 -14.11 28.86
N SER A 227 10.02 -13.94 29.64
CA SER A 227 9.66 -14.91 30.67
C SER A 227 9.52 -16.32 30.10
N ASP A 228 8.79 -16.46 29.00
CA ASP A 228 8.57 -17.76 28.37
C ASP A 228 9.82 -18.46 27.87
N CYS A 229 10.91 -17.70 27.69
CA CYS A 229 12.16 -18.27 27.21
C CYS A 229 12.76 -19.24 28.20
N PHE A 230 12.31 -19.15 29.45
CA PHE A 230 12.82 -20.02 30.50
C PHE A 230 11.89 -21.17 30.82
N ILE A 231 10.91 -21.36 29.94
CA ILE A 231 9.94 -22.44 30.07
C ILE A 231 10.18 -23.34 28.87
N ASP A 232 10.93 -24.42 29.09
CA ASP A 232 11.22 -25.35 28.00
C ASP A 232 9.92 -25.83 27.37
N GLY A 233 9.96 -26.02 26.05
CA GLY A 233 8.78 -26.48 25.34
C GLY A 233 7.80 -25.37 25.00
N ASN A 234 7.93 -24.23 25.67
CA ASN A 234 7.02 -23.12 25.42
C ASN A 234 7.19 -22.62 23.98
N GLU A 235 6.11 -22.70 23.21
CA GLU A 235 6.14 -22.27 21.82
C GLU A 235 6.62 -20.84 21.69
N ASN A 236 5.99 -19.93 22.41
CA ASN A 236 6.37 -18.53 22.36
C ASN A 236 7.80 -18.35 22.85
N GLY A 237 8.14 -19.04 23.93
CA GLY A 237 9.48 -18.95 24.47
C GLY A 237 10.53 -19.34 23.44
N ASP A 238 10.25 -20.41 22.69
CA ASP A 238 11.19 -20.87 21.68
C ASP A 238 11.30 -19.92 20.48
N LEU A 239 10.18 -19.32 20.09
CA LEU A 239 10.20 -18.41 18.96
C LEU A 239 10.90 -17.11 19.34
N LEU A 240 10.85 -16.74 20.63
CA LEU A 240 11.52 -15.54 21.09
C LEU A 240 13.01 -15.82 21.17
N TRP A 241 13.37 -17.07 21.39
CA TRP A 241 14.79 -17.46 21.44
C TRP A 241 15.34 -17.26 20.04
N ASP A 242 14.56 -17.68 19.04
CA ASP A 242 14.96 -17.53 17.64
C ASP A 242 15.16 -16.06 17.35
N PHE A 243 14.28 -15.23 17.90
CA PHE A 243 14.36 -13.78 17.71
C PHE A 243 15.64 -13.22 18.33
N LEU A 244 15.85 -13.52 19.61
CA LEU A 244 17.03 -13.04 20.33
C LEU A 244 18.35 -13.47 19.70
N THR A 245 18.38 -14.70 19.18
CA THR A 245 19.60 -15.24 18.59
C THR A 245 19.61 -15.17 17.06
N GLU A 246 18.51 -14.68 16.50
CA GLU A 246 18.36 -14.57 15.05
C GLU A 246 18.75 -15.89 14.38
N THR A 247 18.33 -16.97 15.02
CA THR A 247 18.59 -18.32 14.55
C THR A 247 17.29 -19.12 14.58
N CYS A 248 16.91 -19.69 13.44
CA CYS A 248 15.68 -20.47 13.37
C CYS A 248 15.85 -21.73 14.19
N ASN A 249 14.83 -22.05 14.99
CA ASN A 249 14.87 -23.24 15.84
C ASN A 249 16.16 -23.24 16.67
N PHE A 250 16.40 -22.17 17.41
CA PHE A 250 17.61 -22.07 18.22
C PHE A 250 17.76 -23.22 19.21
N ASN A 251 16.76 -23.41 20.07
CA ASN A 251 16.82 -24.47 21.08
C ASN A 251 16.99 -25.87 20.50
N ALA A 252 16.56 -26.05 19.25
CA ALA A 252 16.65 -27.36 18.61
C ALA A 252 17.94 -27.56 17.80
N THR A 253 18.69 -26.48 17.57
CA THR A 253 19.92 -26.59 16.78
C THR A 253 21.17 -26.05 17.46
N ALA A 254 20.99 -25.20 18.46
CA ALA A 254 22.12 -24.61 19.17
C ALA A 254 22.84 -25.60 20.07
N PRO A 255 24.16 -25.40 20.27
CA PRO A 255 24.95 -26.30 21.13
C PRO A 255 24.39 -26.24 22.55
N PRO A 256 24.15 -27.40 23.16
CA PRO A 256 23.61 -27.46 24.53
C PRO A 256 24.29 -26.52 25.52
N ASP A 257 25.59 -26.31 25.37
CA ASP A 257 26.33 -25.44 26.29
C ASP A 257 26.10 -23.96 26.01
N LEU A 258 25.98 -23.59 24.73
CA LEU A 258 25.74 -22.20 24.37
C LEU A 258 24.37 -21.80 24.89
N ARG A 259 23.40 -22.70 24.71
CA ARG A 259 22.04 -22.46 25.16
C ARG A 259 22.05 -22.29 26.68
N ALA A 260 22.82 -23.14 27.36
CA ALA A 260 22.91 -23.08 28.81
C ALA A 260 23.53 -21.76 29.26
N GLU A 261 24.58 -21.34 28.55
CA GLU A 261 25.27 -20.10 28.87
C GLU A 261 24.35 -18.90 28.69
N LEU A 262 23.70 -18.83 27.53
CA LEU A 262 22.78 -17.74 27.22
C LEU A 262 21.65 -17.65 28.24
N GLY A 263 21.04 -18.80 28.53
CA GLY A 263 19.96 -18.82 29.49
C GLY A 263 20.37 -18.25 30.82
N LYS A 264 21.66 -18.35 31.14
CA LYS A 264 22.18 -17.83 32.40
C LYS A 264 22.40 -16.32 32.33
N ASP A 265 23.07 -15.86 31.28
CA ASP A 265 23.34 -14.44 31.11
C ASP A 265 22.08 -13.60 30.92
N LEU A 266 21.12 -14.12 30.16
CA LEU A 266 19.89 -13.39 29.91
C LEU A 266 19.13 -13.14 31.21
N GLN A 267 19.61 -13.75 32.29
CA GLN A 267 19.00 -13.58 33.61
C GLN A 267 19.80 -12.61 34.46
N GLU A 268 20.94 -12.17 33.94
CA GLU A 268 21.80 -11.24 34.66
C GLU A 268 21.31 -9.80 34.44
N PRO A 269 21.56 -8.92 35.42
CA PRO A 269 21.15 -7.52 35.36
C PRO A 269 21.64 -6.78 34.12
N GLU A 270 22.80 -7.20 33.61
CA GLU A 270 23.38 -6.59 32.42
C GLU A 270 22.46 -6.78 31.21
N PHE A 271 21.72 -7.89 31.21
CA PHE A 271 20.81 -8.19 30.12
C PHE A 271 19.34 -7.91 30.45
N SER A 272 18.91 -8.36 31.62
CA SER A 272 17.52 -8.16 32.03
C SER A 272 17.37 -7.81 33.49
N ALA A 273 16.12 -7.52 33.86
CA ALA A 273 15.77 -7.20 35.22
C ALA A 273 14.62 -8.13 35.56
N LYS A 274 14.57 -8.61 36.80
CA LYS A 274 13.52 -9.51 37.23
C LYS A 274 12.57 -8.78 38.17
N LYS A 275 11.30 -8.71 37.78
CA LYS A 275 10.29 -8.04 38.60
C LYS A 275 8.90 -8.59 38.30
N GLU A 276 8.08 -8.71 39.34
CA GLU A 276 6.72 -9.21 39.18
C GLU A 276 6.72 -10.65 38.65
N GLY A 277 7.75 -11.41 39.01
CA GLY A 277 7.85 -12.78 38.57
C GLY A 277 8.21 -12.94 37.10
N LYS A 278 8.51 -11.82 36.43
CA LYS A 278 8.87 -11.87 35.02
C LYS A 278 10.30 -11.43 34.76
N VAL A 279 10.86 -11.92 33.65
CA VAL A 279 12.22 -11.56 33.25
C VAL A 279 12.11 -10.55 32.11
N LEU A 280 12.51 -9.32 32.38
CA LEU A 280 12.42 -8.24 31.38
C LEU A 280 13.76 -7.83 30.78
N PHE A 281 14.02 -8.28 29.56
CA PHE A 281 15.25 -7.98 28.84
C PHE A 281 15.30 -6.46 28.60
N ASN A 282 16.47 -5.86 28.79
CA ASN A 282 16.63 -4.41 28.60
C ASN A 282 16.55 -4.06 27.12
N ASN A 283 15.47 -3.40 26.73
CA ASN A 283 15.24 -3.01 25.33
C ASN A 283 15.27 -1.49 25.17
N THR A 284 16.10 -0.83 25.97
CA THR A 284 16.20 0.62 25.90
C THR A 284 16.40 1.10 24.47
N LEU A 285 15.58 2.06 24.04
CA LEU A 285 15.68 2.60 22.69
C LEU A 285 16.30 3.99 22.68
N SER A 286 16.94 4.32 21.57
CA SER A 286 17.56 5.63 21.40
C SER A 286 16.83 6.34 20.27
N PHE A 287 16.42 7.57 20.53
CA PHE A 287 15.73 8.38 19.55
C PHE A 287 16.70 9.47 19.14
N ILE A 288 17.16 9.41 17.90
CA ILE A 288 18.13 10.37 17.39
C ILE A 288 17.47 11.32 16.40
N VAL A 289 17.51 12.60 16.74
CA VAL A 289 16.93 13.63 15.89
C VAL A 289 18.06 14.38 15.20
N ILE A 290 18.08 14.30 13.88
CA ILE A 290 19.11 14.95 13.08
C ILE A 290 18.55 16.22 12.43
N GLU A 291 19.31 17.30 12.51
CA GLU A 291 18.92 18.58 11.95
C GLU A 291 19.34 18.70 10.49
N ALA A 292 18.60 19.48 9.72
CA ALA A 292 18.94 19.69 8.32
C ALA A 292 20.22 20.53 8.32
N GLY B 13 -22.24 -14.65 -22.86
CA GLY B 13 -23.38 -14.02 -22.26
C GLY B 13 -23.29 -14.05 -20.73
N LYS B 14 -22.57 -15.04 -20.18
CA LYS B 14 -22.42 -15.15 -18.73
C LYS B 14 -21.62 -14.01 -18.15
N TYR B 15 -20.56 -13.63 -18.85
CA TYR B 15 -19.72 -12.53 -18.39
C TYR B 15 -20.53 -11.29 -18.06
N VAL B 16 -21.29 -10.81 -19.04
CA VAL B 16 -22.11 -9.62 -18.84
C VAL B 16 -23.21 -9.86 -17.82
N GLU B 17 -23.82 -11.04 -17.85
CA GLU B 17 -24.87 -11.35 -16.90
C GLU B 17 -24.37 -11.30 -15.47
N SER B 18 -23.28 -12.02 -15.21
CA SER B 18 -22.71 -12.01 -13.88
C SER B 18 -22.14 -10.65 -13.53
N PHE B 19 -21.34 -10.09 -14.45
CA PHE B 19 -20.72 -8.78 -14.27
C PHE B 19 -21.77 -7.76 -13.84
N ARG B 20 -23.00 -7.96 -14.29
CA ARG B 20 -24.09 -7.06 -13.96
C ARG B 20 -24.81 -7.53 -12.70
N ARG B 21 -24.74 -8.83 -12.44
CA ARG B 21 -25.37 -9.42 -11.28
C ARG B 21 -24.66 -8.98 -10.00
N PHE B 22 -23.46 -8.42 -10.16
CA PHE B 22 -22.66 -7.94 -9.04
C PHE B 22 -23.02 -6.48 -8.77
N LEU B 23 -23.23 -5.74 -9.86
CA LEU B 23 -23.58 -4.33 -9.77
C LEU B 23 -24.86 -4.12 -8.96
N ASN B 24 -25.69 -5.17 -8.91
CA ASN B 24 -26.94 -5.11 -8.18
C ASN B 24 -26.78 -5.44 -6.69
N HIS B 25 -25.71 -6.16 -6.35
CA HIS B 25 -25.44 -6.52 -4.97
C HIS B 25 -24.25 -5.76 -4.38
N SER B 26 -23.69 -4.84 -5.16
CA SER B 26 -22.55 -4.06 -4.70
C SER B 26 -22.72 -2.57 -4.94
N THR B 27 -21.91 -1.77 -4.24
CA THR B 27 -21.93 -0.32 -4.38
C THR B 27 -20.91 0.05 -5.45
N GLU B 28 -20.62 -0.90 -6.33
CA GLU B 28 -19.67 -0.73 -7.41
C GLU B 28 -19.84 0.61 -8.12
N HIS B 29 -20.91 0.75 -8.88
CA HIS B 29 -21.16 1.99 -9.62
C HIS B 29 -21.55 3.16 -8.72
N GLN B 30 -21.98 2.87 -7.50
CA GLN B 30 -22.34 3.93 -6.57
C GLN B 30 -21.03 4.56 -6.11
N CYS B 31 -20.05 3.70 -5.86
CA CYS B 31 -18.72 4.13 -5.43
C CYS B 31 -18.12 5.00 -6.51
N MET B 32 -18.20 4.53 -7.75
CA MET B 32 -17.65 5.27 -8.87
C MET B 32 -18.40 6.57 -9.07
N GLN B 33 -19.71 6.53 -8.88
CA GLN B 33 -20.54 7.72 -9.03
C GLN B 33 -20.04 8.82 -8.10
N GLU B 34 -19.70 8.45 -6.86
CA GLU B 34 -19.21 9.43 -5.90
C GLU B 34 -17.88 10.03 -6.38
N PHE B 35 -17.00 9.18 -6.89
CA PHE B 35 -15.72 9.64 -7.41
C PHE B 35 -15.99 10.59 -8.57
N MET B 36 -16.94 10.21 -9.41
CA MET B 36 -17.35 10.99 -10.57
C MET B 36 -17.78 12.39 -10.17
N ASP B 37 -18.64 12.45 -9.16
CA ASP B 37 -19.19 13.71 -8.68
C ASP B 37 -18.23 14.53 -7.82
N LYS B 38 -17.53 13.87 -6.90
CA LYS B 38 -16.63 14.58 -5.99
C LYS B 38 -15.19 14.76 -6.44
N LYS B 39 -14.65 13.79 -7.16
CA LYS B 39 -13.25 13.88 -7.56
C LYS B 39 -12.94 14.17 -9.02
N LEU B 40 -13.70 13.56 -9.94
CA LEU B 40 -13.44 13.75 -11.36
C LEU B 40 -13.33 15.20 -11.83
N PRO B 41 -14.26 16.06 -11.40
CA PRO B 41 -14.21 17.47 -11.82
C PRO B 41 -12.83 18.09 -11.64
N GLY B 42 -12.26 17.93 -10.45
CA GLY B 42 -10.95 18.49 -10.19
C GLY B 42 -9.87 17.85 -11.05
N ILE B 43 -10.06 16.58 -11.38
CA ILE B 43 -9.07 15.84 -12.17
C ILE B 43 -9.06 16.24 -13.65
N ILE B 44 -10.23 16.47 -14.23
CA ILE B 44 -10.33 16.84 -15.64
C ILE B 44 -10.49 18.33 -15.88
N GLY B 45 -10.29 19.14 -14.83
CA GLY B 45 -10.45 20.59 -14.94
C GLY B 45 -9.62 21.34 -15.97
N ARG B 46 -8.45 20.82 -16.31
CA ARG B 46 -7.59 21.50 -17.28
C ARG B 46 -7.30 20.69 -18.54
N ILE B 47 -7.86 19.49 -18.65
CA ILE B 47 -7.57 18.67 -19.82
C ILE B 47 -8.01 19.26 -21.15
N GLY B 48 -8.99 20.15 -21.12
CA GLY B 48 -9.47 20.77 -22.35
C GLY B 48 -8.98 22.20 -22.58
N ASP B 49 -8.18 22.72 -21.65
CA ASP B 49 -7.67 24.08 -21.80
C ASP B 49 -6.88 24.27 -23.10
N THR B 50 -7.19 25.36 -23.79
CA THR B 50 -6.58 25.75 -25.06
C THR B 50 -6.96 24.88 -26.24
N LYS B 51 -7.91 23.97 -26.03
CA LYS B 51 -8.33 23.06 -27.09
C LYS B 51 -9.76 23.27 -27.61
N SER B 52 -9.93 23.10 -28.91
CA SER B 52 -11.24 23.25 -29.55
C SER B 52 -11.88 21.88 -29.73
N GLU B 53 -11.13 20.85 -29.33
CA GLU B 53 -11.62 19.48 -29.39
C GLU B 53 -11.00 18.71 -28.23
N ILE B 54 -11.84 18.08 -27.43
CA ILE B 54 -11.34 17.30 -26.32
C ILE B 54 -11.41 15.83 -26.70
N LYS B 55 -10.27 15.17 -26.71
CA LYS B 55 -10.21 13.77 -27.11
C LYS B 55 -10.16 12.84 -25.91
N ILE B 56 -11.18 11.99 -25.80
CA ILE B 56 -11.28 11.02 -24.71
C ILE B 56 -11.17 9.62 -25.26
N LEU B 57 -10.25 8.84 -24.70
CA LEU B 57 -10.05 7.47 -25.13
C LEU B 57 -10.50 6.53 -24.03
N SER B 58 -11.55 5.77 -24.31
CA SER B 58 -12.10 4.83 -23.36
C SER B 58 -11.64 3.42 -23.70
N ILE B 59 -10.80 2.85 -22.84
CA ILE B 59 -10.30 1.50 -23.06
C ILE B 59 -11.15 0.56 -22.22
N GLY B 60 -11.78 -0.41 -22.88
CA GLY B 60 -12.64 -1.34 -22.18
C GLY B 60 -13.90 -0.64 -21.71
N GLY B 61 -14.39 0.29 -22.52
CA GLY B 61 -15.58 1.06 -22.18
C GLY B 61 -16.84 0.28 -21.87
N GLY B 62 -16.90 -0.98 -22.31
CA GLY B 62 -18.06 -1.81 -22.05
C GLY B 62 -19.35 -1.29 -22.67
N ALA B 63 -20.41 -1.23 -21.87
CA ALA B 63 -21.72 -0.78 -22.33
C ALA B 63 -21.90 0.75 -22.31
N GLY B 64 -20.90 1.45 -21.78
CA GLY B 64 -20.95 2.90 -21.78
C GLY B 64 -21.54 3.69 -20.62
N GLU B 65 -22.12 3.03 -19.62
CA GLU B 65 -22.71 3.76 -18.52
C GLU B 65 -21.72 4.73 -17.86
N ILE B 66 -20.59 4.20 -17.41
CA ILE B 66 -19.57 5.02 -16.76
C ILE B 66 -18.99 6.05 -17.74
N ASP B 67 -18.78 5.63 -18.98
CA ASP B 67 -18.23 6.53 -20.00
C ASP B 67 -19.07 7.80 -20.15
N LEU B 68 -20.38 7.62 -20.17
CA LEU B 68 -21.27 8.77 -20.32
C LEU B 68 -21.24 9.67 -19.10
N GLN B 69 -20.98 9.09 -17.93
CA GLN B 69 -20.89 9.87 -16.71
C GLN B 69 -19.65 10.75 -16.79
N ILE B 70 -18.56 10.18 -17.25
CA ILE B 70 -17.31 10.92 -17.40
C ILE B 70 -17.52 12.03 -18.42
N LEU B 71 -18.21 11.71 -19.52
CA LEU B 71 -18.48 12.71 -20.55
C LEU B 71 -19.29 13.87 -20.00
N SER B 72 -20.29 13.59 -19.18
CA SER B 72 -21.11 14.66 -18.63
C SER B 72 -20.26 15.63 -17.80
N LYS B 73 -19.25 15.11 -17.09
CA LYS B 73 -18.40 15.95 -16.28
C LYS B 73 -17.48 16.81 -17.14
N VAL B 74 -17.00 16.23 -18.23
CA VAL B 74 -16.13 16.95 -19.14
C VAL B 74 -16.92 18.06 -19.84
N GLN B 75 -18.16 17.77 -20.23
CA GLN B 75 -18.98 18.77 -20.90
C GLN B 75 -19.34 19.91 -19.93
N ALA B 76 -19.55 19.57 -18.67
CA ALA B 76 -19.87 20.58 -17.67
C ALA B 76 -18.75 21.60 -17.55
N GLN B 77 -17.51 21.10 -17.55
CA GLN B 77 -16.34 21.97 -17.43
C GLN B 77 -16.06 22.71 -18.74
N TYR B 78 -16.37 22.07 -19.87
CA TYR B 78 -16.12 22.67 -21.16
C TYR B 78 -17.36 22.82 -22.03
N PRO B 79 -18.29 23.70 -21.61
CA PRO B 79 -19.52 23.92 -22.37
C PRO B 79 -19.25 24.30 -23.83
N GLY B 80 -19.96 23.64 -24.75
CA GLY B 80 -19.82 23.93 -26.15
C GLY B 80 -18.63 23.33 -26.89
N VAL B 81 -17.68 22.73 -26.17
CA VAL B 81 -16.51 22.16 -26.82
C VAL B 81 -16.80 20.76 -27.37
N CYS B 82 -16.43 20.55 -28.63
CA CYS B 82 -16.64 19.25 -29.27
C CYS B 82 -15.79 18.20 -28.57
N ILE B 83 -16.41 17.06 -28.28
CA ILE B 83 -15.71 15.97 -27.61
C ILE B 83 -15.67 14.74 -28.49
N ASN B 84 -14.47 14.23 -28.72
CA ASN B 84 -14.31 13.03 -29.52
C ASN B 84 -14.07 11.90 -28.52
N ASN B 85 -15.09 11.07 -28.32
CA ASN B 85 -15.02 9.96 -27.39
C ASN B 85 -14.87 8.66 -28.16
N GLU B 86 -13.64 8.18 -28.29
CA GLU B 86 -13.41 6.93 -28.99
C GLU B 86 -13.32 5.80 -27.98
N VAL B 87 -13.84 4.64 -28.35
CA VAL B 87 -13.86 3.50 -27.45
C VAL B 87 -13.17 2.25 -28.00
N VAL B 88 -12.27 1.69 -27.20
CA VAL B 88 -11.56 0.47 -27.56
C VAL B 88 -12.23 -0.63 -26.75
N GLU B 89 -13.09 -1.40 -27.42
CA GLU B 89 -13.86 -2.46 -26.78
C GLU B 89 -13.98 -3.67 -27.72
N PRO B 90 -13.37 -4.81 -27.35
CA PRO B 90 -13.39 -6.04 -28.15
C PRO B 90 -14.72 -6.76 -28.25
N SER B 91 -15.63 -6.48 -27.32
CA SER B 91 -16.94 -7.13 -27.33
C SER B 91 -17.95 -6.43 -28.23
N ALA B 92 -18.39 -7.12 -29.28
CA ALA B 92 -19.37 -6.56 -30.19
C ALA B 92 -20.68 -6.35 -29.44
N GLU B 93 -20.95 -7.23 -28.48
CA GLU B 93 -22.17 -7.13 -27.69
C GLU B 93 -22.18 -5.87 -26.83
N GLN B 94 -21.04 -5.58 -26.21
CA GLN B 94 -20.91 -4.39 -25.36
C GLN B 94 -21.10 -3.15 -26.22
N ILE B 95 -20.43 -3.11 -27.37
CA ILE B 95 -20.52 -1.98 -28.28
C ILE B 95 -21.96 -1.74 -28.71
N ALA B 96 -22.68 -2.82 -29.02
CA ALA B 96 -24.07 -2.72 -29.43
C ALA B 96 -24.87 -2.02 -28.34
N LYS B 97 -24.68 -2.46 -27.09
CA LYS B 97 -25.40 -1.90 -25.95
C LYS B 97 -24.98 -0.44 -25.73
N TYR B 98 -23.70 -0.17 -25.97
CA TYR B 98 -23.15 1.16 -25.80
C TYR B 98 -23.85 2.10 -26.79
N LYS B 99 -23.92 1.68 -28.06
CA LYS B 99 -24.58 2.49 -29.08
C LYS B 99 -26.04 2.75 -28.76
N GLU B 100 -26.76 1.72 -28.31
CA GLU B 100 -28.17 1.87 -27.97
C GLU B 100 -28.34 2.88 -26.85
N LEU B 101 -27.40 2.86 -25.91
CA LEU B 101 -27.43 3.77 -24.77
C LEU B 101 -27.31 5.21 -25.26
N VAL B 102 -26.28 5.44 -26.07
CA VAL B 102 -26.02 6.76 -26.64
C VAL B 102 -27.24 7.29 -27.40
N ALA B 103 -27.84 6.43 -28.22
CA ALA B 103 -29.00 6.82 -29.01
C ALA B 103 -30.16 7.25 -28.12
N LYS B 104 -30.26 6.64 -26.96
CA LYS B 104 -31.33 6.93 -26.01
C LYS B 104 -31.14 8.24 -25.24
N ILE B 105 -29.88 8.64 -25.05
CA ILE B 105 -29.59 9.86 -24.31
C ILE B 105 -29.86 11.15 -25.07
N SER B 106 -30.71 11.99 -24.49
CA SER B 106 -31.04 13.27 -25.08
C SER B 106 -29.92 14.21 -24.66
N ASN B 107 -29.65 15.21 -25.48
CA ASN B 107 -28.58 16.14 -25.18
C ASN B 107 -27.37 15.77 -26.04
N LEU B 108 -26.18 15.91 -25.47
CA LEU B 108 -24.96 15.59 -26.21
C LEU B 108 -24.82 16.57 -27.36
N GLU B 109 -24.71 16.05 -28.57
CA GLU B 109 -24.57 16.89 -29.76
C GLU B 109 -23.13 17.31 -29.99
N ASN B 110 -22.49 17.81 -28.93
CA ASN B 110 -21.10 18.24 -29.00
C ASN B 110 -20.17 17.05 -28.75
N VAL B 111 -20.68 15.84 -28.98
CA VAL B 111 -19.88 14.64 -28.76
C VAL B 111 -19.97 13.67 -29.94
N LYS B 112 -18.81 13.24 -30.42
CA LYS B 112 -18.74 12.29 -31.51
C LYS B 112 -18.21 10.98 -30.91
N PHE B 113 -18.89 9.87 -31.21
CA PHE B 113 -18.45 8.58 -30.70
C PHE B 113 -17.84 7.74 -31.81
N ALA B 114 -16.87 6.92 -31.43
CA ALA B 114 -16.23 6.01 -32.37
C ALA B 114 -15.92 4.75 -31.59
N TRP B 115 -16.34 3.61 -32.11
CA TRP B 115 -16.11 2.34 -31.45
C TRP B 115 -15.17 1.45 -32.23
N HIS B 116 -14.07 1.06 -31.58
CA HIS B 116 -13.09 0.18 -32.20
C HIS B 116 -13.22 -1.20 -31.58
N LYS B 117 -13.78 -2.14 -32.34
CA LYS B 117 -13.96 -3.51 -31.83
C LYS B 117 -12.62 -4.24 -31.82
N GLU B 118 -11.86 -4.05 -30.76
CA GLU B 118 -10.57 -4.69 -30.61
C GLU B 118 -10.10 -4.52 -29.18
N THR B 119 -8.99 -5.17 -28.83
CA THR B 119 -8.46 -5.07 -27.48
C THR B 119 -7.46 -3.90 -27.45
N SER B 120 -7.05 -3.52 -26.25
CA SER B 120 -6.10 -2.42 -26.13
C SER B 120 -4.80 -2.76 -26.86
N SER B 121 -4.39 -4.02 -26.76
CA SER B 121 -3.16 -4.48 -27.43
C SER B 121 -3.26 -4.34 -28.94
N GLU B 122 -4.41 -4.71 -29.50
CA GLU B 122 -4.61 -4.63 -30.94
C GLU B 122 -4.64 -3.15 -31.35
N TYR B 123 -5.29 -2.34 -30.54
CA TYR B 123 -5.39 -0.91 -30.81
C TYR B 123 -3.98 -0.33 -30.85
N GLN B 124 -3.17 -0.71 -29.85
CA GLN B 124 -1.79 -0.26 -29.75
C GLN B 124 -0.99 -0.64 -30.99
N SER B 125 -1.11 -1.91 -31.36
CA SER B 125 -0.41 -2.44 -32.53
C SER B 125 -0.81 -1.65 -33.77
N ARG B 126 -2.11 -1.47 -33.96
CA ARG B 126 -2.64 -0.75 -35.10
C ARG B 126 -2.13 0.69 -35.16
N MET B 127 -2.06 1.36 -34.00
CA MET B 127 -1.59 2.74 -33.95
C MET B 127 -0.11 2.93 -34.30
N LEU B 128 0.72 1.95 -33.96
CA LEU B 128 2.15 2.04 -34.25
C LEU B 128 2.48 2.07 -35.74
N GLU B 129 1.63 1.40 -36.52
CA GLU B 129 1.79 1.31 -37.97
C GLU B 129 2.13 2.64 -38.65
N LYS B 130 1.14 3.52 -38.74
CA LYS B 130 1.29 4.82 -39.38
C LYS B 130 2.56 5.61 -39.06
N LYS B 131 3.12 5.39 -37.87
CA LYS B 131 4.33 6.10 -37.48
C LYS B 131 3.95 7.46 -36.89
N GLU B 132 2.65 7.76 -36.91
CA GLU B 132 2.14 9.01 -36.38
C GLU B 132 1.25 8.69 -35.19
N LEU B 133 1.56 9.29 -34.04
CA LEU B 133 0.78 9.04 -32.85
C LEU B 133 -0.10 10.22 -32.49
N GLN B 134 -1.40 10.00 -32.52
CA GLN B 134 -2.33 11.07 -32.15
C GLN B 134 -2.34 11.12 -30.63
N LYS B 135 -2.55 12.32 -30.09
CA LYS B 135 -2.58 12.49 -28.65
C LYS B 135 -4.01 12.55 -28.13
N TRP B 136 -4.17 12.27 -26.84
CA TRP B 136 -5.49 12.31 -26.22
C TRP B 136 -5.44 13.17 -24.96
N ASP B 137 -6.58 13.71 -24.57
CA ASP B 137 -6.66 14.58 -23.40
C ASP B 137 -7.07 13.84 -22.15
N PHE B 138 -7.79 12.74 -22.33
CA PHE B 138 -8.20 11.92 -21.21
C PHE B 138 -8.30 10.48 -21.69
N ILE B 139 -7.62 9.59 -20.98
CA ILE B 139 -7.63 8.18 -21.31
C ILE B 139 -8.02 7.48 -20.02
N HIS B 140 -8.97 6.55 -20.10
CA HIS B 140 -9.34 5.83 -18.91
C HIS B 140 -9.49 4.34 -19.18
N MET B 141 -9.15 3.57 -18.16
CA MET B 141 -9.19 2.11 -18.21
C MET B 141 -9.85 1.71 -16.91
N ILE B 142 -11.17 1.66 -16.96
CA ILE B 142 -11.95 1.35 -15.77
C ILE B 142 -12.35 -0.13 -15.66
N GLN B 143 -11.86 -0.77 -14.60
CA GLN B 143 -12.14 -2.17 -14.31
C GLN B 143 -11.90 -3.09 -15.50
N MET B 144 -10.79 -2.89 -16.20
CA MET B 144 -10.50 -3.74 -17.35
C MET B 144 -9.06 -4.22 -17.50
N LEU B 145 -8.15 -3.71 -16.66
CA LEU B 145 -6.75 -4.12 -16.76
C LEU B 145 -6.53 -5.60 -16.46
N TYR B 146 -7.51 -6.23 -15.81
CA TYR B 146 -7.42 -7.64 -15.49
C TYR B 146 -7.33 -8.42 -16.79
N TYR B 147 -7.95 -7.89 -17.83
CA TYR B 147 -7.99 -8.57 -19.12
C TYR B 147 -6.91 -8.16 -20.10
N VAL B 148 -5.94 -7.38 -19.62
CA VAL B 148 -4.85 -6.93 -20.46
C VAL B 148 -3.66 -7.86 -20.23
N LYS B 149 -3.10 -8.37 -21.33
CA LYS B 149 -1.97 -9.29 -21.26
C LYS B 149 -0.69 -8.64 -20.78
N ASP B 150 -0.34 -7.48 -21.35
CA ASP B 150 0.88 -6.78 -20.96
C ASP B 150 0.53 -5.45 -20.32
N ILE B 151 0.40 -5.43 -19.01
CA ILE B 151 0.02 -4.19 -18.33
C ILE B 151 1.09 -3.10 -18.40
N PRO B 152 2.36 -3.44 -18.08
CA PRO B 152 3.38 -2.38 -18.15
C PRO B 152 3.47 -1.74 -19.55
N ALA B 153 3.32 -2.54 -20.59
CA ALA B 153 3.38 -2.00 -21.96
C ALA B 153 2.15 -1.13 -22.22
N THR B 154 1.00 -1.56 -21.71
CA THR B 154 -0.23 -0.81 -21.88
C THR B 154 -0.11 0.55 -21.19
N LEU B 155 0.37 0.52 -19.94
CA LEU B 155 0.52 1.75 -19.17
C LEU B 155 1.46 2.74 -19.85
N LYS B 156 2.63 2.26 -20.27
CA LYS B 156 3.60 3.15 -20.91
C LYS B 156 3.10 3.67 -22.24
N PHE B 157 2.49 2.80 -23.04
CA PHE B 157 1.99 3.20 -24.35
C PHE B 157 0.92 4.27 -24.25
N PHE B 158 -0.12 4.02 -23.46
CA PHE B 158 -1.16 5.01 -23.35
C PHE B 158 -0.71 6.28 -22.66
N HIS B 159 0.26 6.18 -21.77
CA HIS B 159 0.76 7.39 -21.14
C HIS B 159 1.47 8.20 -22.23
N SER B 160 2.08 7.51 -23.20
CA SER B 160 2.80 8.19 -24.27
C SER B 160 1.83 8.90 -25.23
N LEU B 161 0.55 8.57 -25.16
CA LEU B 161 -0.43 9.21 -26.03
C LEU B 161 -1.08 10.42 -25.35
N LEU B 162 -0.70 10.68 -24.10
CA LEU B 162 -1.26 11.81 -23.37
C LEU B 162 -0.74 13.14 -23.87
N GLY B 163 -1.66 14.05 -24.21
CA GLY B 163 -1.27 15.35 -24.68
C GLY B 163 -0.97 16.27 -23.52
N THR B 164 -0.86 17.56 -23.79
CA THR B 164 -0.56 18.54 -22.75
C THR B 164 -1.69 18.64 -21.73
N ASN B 165 -1.32 18.59 -20.45
CA ASN B 165 -2.28 18.65 -19.34
C ASN B 165 -3.25 17.48 -19.38
N ALA B 166 -2.94 16.46 -20.17
CA ALA B 166 -3.79 15.30 -20.28
C ALA B 166 -3.62 14.39 -19.08
N LYS B 167 -4.62 13.57 -18.81
CA LYS B 167 -4.55 12.65 -17.70
C LYS B 167 -5.09 11.28 -18.09
N MET B 168 -4.64 10.27 -17.35
CA MET B 168 -5.07 8.90 -17.58
C MET B 168 -5.61 8.38 -16.27
N LEU B 169 -6.82 7.84 -16.32
CA LEU B 169 -7.46 7.30 -15.13
C LEU B 169 -7.59 5.79 -15.21
N ILE B 170 -7.15 5.13 -14.15
CA ILE B 170 -7.24 3.68 -14.06
C ILE B 170 -7.96 3.32 -12.79
N ILE B 171 -8.88 2.37 -12.88
CA ILE B 171 -9.61 1.92 -11.72
C ILE B 171 -9.55 0.40 -11.67
N VAL B 172 -9.18 -0.12 -10.50
CA VAL B 172 -9.11 -1.56 -10.27
C VAL B 172 -9.35 -1.73 -8.78
N VAL B 173 -9.64 -2.96 -8.35
CA VAL B 173 -9.88 -3.18 -6.93
C VAL B 173 -8.61 -2.85 -6.16
N SER B 174 -8.77 -2.40 -4.93
CA SER B 174 -7.63 -2.02 -4.10
C SER B 174 -6.88 -3.22 -3.54
N GLY B 175 -5.63 -2.98 -3.18
CA GLY B 175 -4.83 -4.03 -2.59
C GLY B 175 -5.39 -4.37 -1.21
N SER B 176 -6.14 -3.44 -0.61
CA SER B 176 -6.71 -3.67 0.71
C SER B 176 -8.12 -4.28 0.66
N SER B 177 -8.61 -4.52 -0.55
CA SER B 177 -9.95 -5.09 -0.72
C SER B 177 -9.99 -6.55 -0.35
N GLY B 178 -11.20 -7.10 -0.26
CA GLY B 178 -11.37 -8.49 0.05
C GLY B 178 -10.93 -9.34 -1.12
N TRP B 179 -11.00 -8.76 -2.32
CA TRP B 179 -10.58 -9.47 -3.52
C TRP B 179 -9.11 -9.84 -3.39
N ASP B 180 -8.32 -8.90 -2.91
CA ASP B 180 -6.89 -9.14 -2.74
C ASP B 180 -6.65 -10.36 -1.86
N LYS B 181 -7.31 -10.39 -0.71
CA LYS B 181 -7.18 -11.50 0.22
C LYS B 181 -7.67 -12.81 -0.39
N LEU B 182 -8.77 -12.72 -1.12
CA LEU B 182 -9.36 -13.88 -1.78
C LEU B 182 -8.39 -14.52 -2.78
N TRP B 183 -7.88 -13.71 -3.70
CA TRP B 183 -6.96 -14.22 -4.71
C TRP B 183 -5.65 -14.72 -4.12
N LYS B 184 -5.18 -14.07 -3.06
CA LYS B 184 -3.95 -14.50 -2.43
C LYS B 184 -4.09 -15.88 -1.80
N LYS B 185 -5.19 -16.11 -1.09
CA LYS B 185 -5.42 -17.39 -0.43
C LYS B 185 -6.07 -18.47 -1.28
N TYR B 186 -6.97 -18.08 -2.18
CA TYR B 186 -7.67 -19.07 -3.01
C TYR B 186 -7.41 -18.98 -4.50
N GLY B 187 -6.42 -18.20 -4.90
CA GLY B 187 -6.10 -18.05 -6.31
C GLY B 187 -5.68 -19.37 -6.95
N SER B 188 -5.15 -20.27 -6.12
CA SER B 188 -4.69 -21.58 -6.59
C SER B 188 -5.86 -22.53 -6.77
N ARG B 189 -6.79 -22.51 -5.83
CA ARG B 189 -7.95 -23.39 -5.86
C ARG B 189 -8.96 -22.94 -6.93
N PHE B 190 -8.68 -21.81 -7.57
CA PHE B 190 -9.56 -21.28 -8.60
C PHE B 190 -8.93 -21.49 -9.99
N PRO B 191 -9.76 -21.51 -11.04
CA PRO B 191 -9.29 -21.70 -12.41
C PRO B 191 -8.24 -20.66 -12.81
N GLN B 192 -7.41 -21.01 -13.79
CA GLN B 192 -6.37 -20.11 -14.27
C GLN B 192 -6.47 -19.92 -15.78
N ASP B 193 -7.34 -19.01 -16.20
CA ASP B 193 -7.50 -18.71 -17.62
C ASP B 193 -6.61 -17.55 -18.01
N ASP B 194 -5.96 -17.68 -19.16
CA ASP B 194 -5.06 -16.64 -19.66
C ASP B 194 -5.85 -15.44 -20.20
N LEU B 195 -7.13 -15.37 -19.84
CA LEU B 195 -7.98 -14.27 -20.28
C LEU B 195 -8.15 -13.24 -19.17
N CYS B 196 -7.76 -13.62 -17.96
CA CYS B 196 -7.90 -12.72 -16.81
C CYS B 196 -6.84 -12.96 -15.75
N GLN B 197 -6.24 -11.88 -15.27
CA GLN B 197 -5.22 -11.99 -14.23
C GLN B 197 -5.63 -11.18 -13.00
N TYR B 198 -5.32 -11.75 -11.84
CA TYR B 198 -5.64 -11.13 -10.56
C TYR B 198 -4.74 -9.92 -10.31
N ILE B 199 -5.27 -8.72 -10.56
CA ILE B 199 -4.50 -7.51 -10.37
C ILE B 199 -5.19 -6.60 -9.36
N THR B 200 -4.39 -5.92 -8.53
CA THR B 200 -4.94 -4.99 -7.55
C THR B 200 -4.12 -3.71 -7.68
N SER B 201 -4.52 -2.65 -6.99
CA SER B 201 -3.80 -1.39 -7.05
C SER B 201 -2.34 -1.56 -6.62
N ASP B 202 -2.08 -2.52 -5.74
CA ASP B 202 -0.71 -2.77 -5.28
C ASP B 202 0.19 -3.11 -6.45
N ASP B 203 -0.32 -3.96 -7.35
CA ASP B 203 0.45 -4.37 -8.51
C ASP B 203 0.67 -3.19 -9.45
N LEU B 204 -0.38 -2.39 -9.63
CA LEU B 204 -0.29 -1.23 -10.51
C LEU B 204 0.66 -0.15 -10.01
N THR B 205 0.62 0.18 -8.72
CA THR B 205 1.52 1.22 -8.22
C THR B 205 2.96 0.74 -8.30
N GLN B 206 3.17 -0.56 -8.14
CA GLN B 206 4.52 -1.13 -8.24
C GLN B 206 4.99 -0.92 -9.68
N MET B 207 4.14 -1.30 -10.62
CA MET B 207 4.47 -1.15 -12.03
C MET B 207 4.69 0.32 -12.41
N LEU B 208 3.87 1.20 -11.86
CA LEU B 208 3.99 2.62 -12.15
C LEU B 208 5.29 3.18 -11.58
N ASP B 209 5.63 2.81 -10.36
CA ASP B 209 6.89 3.25 -9.75
C ASP B 209 8.03 2.81 -10.65
N ASN B 210 8.04 1.53 -11.05
CA ASN B 210 9.11 1.02 -11.91
C ASN B 210 9.14 1.75 -13.25
N LEU B 211 7.97 2.11 -13.77
CA LEU B 211 7.90 2.82 -15.04
C LEU B 211 8.34 4.28 -14.90
N GLY B 212 8.36 4.76 -13.66
CA GLY B 212 8.75 6.13 -13.39
C GLY B 212 7.69 7.17 -13.73
N LEU B 213 6.44 6.76 -13.80
CA LEU B 213 5.36 7.69 -14.11
C LEU B 213 4.84 8.41 -12.87
N LYS B 214 4.40 9.64 -13.05
CA LYS B 214 3.85 10.43 -11.94
C LYS B 214 2.38 10.10 -11.80
N TYR B 215 1.95 9.74 -10.59
CA TYR B 215 0.55 9.38 -10.38
C TYR B 215 0.10 9.57 -8.94
N GLU B 216 -1.21 9.50 -8.76
CA GLU B 216 -1.84 9.58 -7.44
C GLU B 216 -2.89 8.48 -7.41
N CYS B 217 -3.01 7.81 -6.26
CA CYS B 217 -3.95 6.72 -6.10
C CYS B 217 -4.88 6.97 -4.91
N TYR B 218 -6.19 7.07 -5.18
CA TYR B 218 -7.18 7.28 -4.13
C TYR B 218 -7.97 6.00 -3.92
N ASP B 219 -8.24 5.65 -2.67
CA ASP B 219 -9.03 4.46 -2.36
C ASP B 219 -10.38 4.91 -1.82
N LEU B 220 -11.43 4.23 -2.24
CA LEU B 220 -12.78 4.55 -1.76
C LEU B 220 -13.46 3.25 -1.38
N LEU B 221 -13.89 3.16 -0.13
CA LEU B 221 -14.58 1.96 0.33
C LEU B 221 -15.81 1.66 -0.51
N SER B 222 -16.00 0.38 -0.80
CA SER B 222 -17.14 -0.10 -1.56
C SER B 222 -17.36 -1.51 -1.04
N THR B 223 -18.62 -1.93 -0.96
CA THR B 223 -18.92 -3.26 -0.48
C THR B 223 -19.82 -4.04 -1.40
N MET B 224 -19.81 -5.36 -1.22
CA MET B 224 -20.62 -6.27 -2.00
C MET B 224 -21.37 -7.16 -1.03
N ASP B 225 -22.55 -6.73 -0.60
CA ASP B 225 -23.35 -7.51 0.34
C ASP B 225 -23.49 -8.94 -0.14
N ILE B 226 -22.85 -9.85 0.56
CA ILE B 226 -22.92 -11.27 0.22
C ILE B 226 -23.75 -12.01 1.26
N SER B 227 -24.56 -11.26 2.01
CA SER B 227 -25.42 -11.83 3.04
C SER B 227 -26.24 -12.99 2.51
N ASP B 228 -26.63 -12.91 1.24
CA ASP B 228 -27.42 -13.97 0.62
C ASP B 228 -26.63 -15.25 0.38
N CYS B 229 -25.31 -15.13 0.38
CA CYS B 229 -24.45 -16.30 0.17
C CYS B 229 -24.55 -17.21 1.39
N PHE B 230 -24.95 -16.63 2.51
CA PHE B 230 -25.09 -17.37 3.75
C PHE B 230 -26.50 -17.97 3.88
N ILE B 231 -27.35 -17.64 2.92
CA ILE B 231 -28.72 -18.15 2.91
C ILE B 231 -28.82 -19.40 2.04
N ASP B 232 -28.71 -20.57 2.67
CA ASP B 232 -28.82 -21.80 1.92
C ASP B 232 -30.14 -21.73 1.16
N GLY B 233 -30.05 -21.77 -0.16
CA GLY B 233 -31.25 -21.70 -0.99
C GLY B 233 -31.44 -20.32 -1.61
N ASN B 234 -30.71 -19.34 -1.10
CA ASN B 234 -30.80 -17.97 -1.61
C ASN B 234 -30.40 -17.91 -3.08
N GLU B 235 -31.39 -17.70 -3.94
CA GLU B 235 -31.16 -17.62 -5.39
C GLU B 235 -30.05 -16.63 -5.73
N ASN B 236 -30.23 -15.39 -5.31
CA ASN B 236 -29.23 -14.34 -5.57
C ASN B 236 -27.91 -14.71 -4.92
N GLY B 237 -27.99 -15.29 -3.72
CA GLY B 237 -26.79 -15.68 -3.01
C GLY B 237 -25.90 -16.59 -3.84
N ASP B 238 -26.51 -17.58 -4.48
CA ASP B 238 -25.76 -18.52 -5.31
C ASP B 238 -25.19 -17.81 -6.54
N LEU B 239 -25.80 -16.69 -6.89
CA LEU B 239 -25.36 -15.91 -8.05
C LEU B 239 -24.09 -15.14 -7.70
N LEU B 240 -23.89 -14.87 -6.42
CA LEU B 240 -22.70 -14.15 -5.96
C LEU B 240 -21.53 -15.10 -5.79
N TRP B 241 -21.82 -16.34 -5.40
CA TRP B 241 -20.78 -17.35 -5.21
C TRP B 241 -20.00 -17.57 -6.50
N ASP B 242 -20.70 -17.52 -7.62
CA ASP B 242 -20.10 -17.72 -8.93
C ASP B 242 -19.20 -16.56 -9.32
N PHE B 243 -19.64 -15.35 -8.95
CA PHE B 243 -18.91 -14.14 -9.26
C PHE B 243 -17.61 -14.09 -8.45
N LEU B 244 -17.74 -14.28 -7.14
CA LEU B 244 -16.61 -14.25 -6.23
C LEU B 244 -15.53 -15.27 -6.56
N THR B 245 -15.95 -16.43 -7.07
CA THR B 245 -15.03 -17.50 -7.40
C THR B 245 -14.62 -17.61 -8.87
N GLU B 246 -15.20 -16.77 -9.72
CA GLU B 246 -14.88 -16.81 -11.15
C GLU B 246 -15.07 -18.22 -11.70
N THR B 247 -16.18 -18.86 -11.30
CA THR B 247 -16.51 -20.22 -11.75
C THR B 247 -18.01 -20.40 -11.85
N CYS B 248 -18.46 -20.90 -13.00
CA CYS B 248 -19.89 -21.12 -13.22
C CYS B 248 -20.39 -22.30 -12.40
N ASN B 249 -21.52 -22.10 -11.73
CA ASN B 249 -22.12 -23.14 -10.89
C ASN B 249 -21.15 -23.61 -9.81
N PHE B 250 -20.55 -22.66 -9.10
CA PHE B 250 -19.59 -22.98 -8.05
C PHE B 250 -20.18 -23.85 -6.95
N ASN B 251 -21.36 -23.48 -6.47
CA ASN B 251 -22.02 -24.24 -5.41
C ASN B 251 -22.12 -25.72 -5.77
N ALA B 252 -22.77 -26.01 -6.89
CA ALA B 252 -22.95 -27.39 -7.34
C ALA B 252 -21.65 -28.10 -7.72
N THR B 253 -20.81 -27.43 -8.49
CA THR B 253 -19.55 -28.03 -8.94
C THR B 253 -18.46 -28.04 -7.87
N ALA B 254 -18.13 -26.86 -7.36
CA ALA B 254 -17.10 -26.70 -6.34
C ALA B 254 -17.06 -27.83 -5.32
N PRO B 255 -15.86 -28.37 -5.05
CA PRO B 255 -15.68 -29.47 -4.10
C PRO B 255 -16.02 -29.06 -2.67
N PRO B 256 -16.74 -29.93 -1.94
CA PRO B 256 -17.16 -29.69 -0.55
C PRO B 256 -16.14 -28.94 0.30
N ASP B 257 -14.93 -29.49 0.40
CA ASP B 257 -13.87 -28.87 1.20
C ASP B 257 -13.75 -27.37 0.91
N LEU B 258 -13.40 -27.05 -0.33
CA LEU B 258 -13.24 -25.67 -0.76
C LEU B 258 -14.45 -24.83 -0.39
N ARG B 259 -15.63 -25.26 -0.82
CA ARG B 259 -16.87 -24.55 -0.55
C ARG B 259 -16.99 -24.25 0.95
N ALA B 260 -16.57 -25.20 1.78
CA ALA B 260 -16.64 -25.03 3.23
C ALA B 260 -15.75 -23.91 3.75
N GLU B 261 -14.46 -23.96 3.42
CA GLU B 261 -13.51 -22.94 3.87
C GLU B 261 -13.94 -21.52 3.52
N LEU B 262 -14.24 -21.29 2.25
CA LEU B 262 -14.66 -19.97 1.79
C LEU B 262 -15.85 -19.46 2.59
N GLY B 263 -16.83 -20.33 2.80
CA GLY B 263 -18.02 -19.94 3.55
C GLY B 263 -17.64 -19.33 4.89
N LYS B 264 -16.52 -19.76 5.44
CA LYS B 264 -16.04 -19.25 6.73
C LYS B 264 -15.22 -17.98 6.54
N ASP B 265 -14.24 -18.03 5.64
CA ASP B 265 -13.39 -16.87 5.39
C ASP B 265 -14.16 -15.64 4.92
N LEU B 266 -15.15 -15.83 4.06
CA LEU B 266 -15.93 -14.71 3.56
C LEU B 266 -16.63 -13.99 4.70
N GLN B 267 -16.52 -14.53 5.91
CA GLN B 267 -17.14 -13.93 7.08
C GLN B 267 -16.05 -13.30 7.94
N GLU B 268 -14.80 -13.63 7.63
CA GLU B 268 -13.66 -13.10 8.37
C GLU B 268 -13.39 -11.64 8.01
N PRO B 269 -12.75 -10.90 8.93
CA PRO B 269 -12.41 -9.48 8.77
C PRO B 269 -11.61 -9.12 7.51
N GLU B 270 -10.67 -9.99 7.14
CA GLU B 270 -9.84 -9.72 5.97
C GLU B 270 -10.67 -9.70 4.69
N PHE B 271 -11.85 -10.31 4.74
CA PHE B 271 -12.72 -10.37 3.58
C PHE B 271 -13.97 -9.50 3.66
N SER B 272 -14.71 -9.60 4.76
CA SER B 272 -15.94 -8.84 4.90
C SER B 272 -16.12 -8.18 6.26
N ALA B 273 -17.13 -7.32 6.36
CA ALA B 273 -17.43 -6.61 7.59
C ALA B 273 -18.82 -7.03 8.06
N LYS B 274 -18.99 -7.12 9.38
CA LYS B 274 -20.26 -7.49 9.97
C LYS B 274 -21.10 -6.25 10.23
N LYS B 275 -22.11 -6.03 9.41
CA LYS B 275 -22.98 -4.86 9.57
C LYS B 275 -24.45 -5.15 9.31
N GLU B 276 -25.32 -4.56 10.12
CA GLU B 276 -26.76 -4.74 9.98
C GLU B 276 -27.15 -6.20 9.71
N GLY B 277 -26.60 -7.12 10.51
CA GLY B 277 -26.90 -8.52 10.33
C GLY B 277 -26.41 -9.10 9.01
N LYS B 278 -25.92 -8.23 8.13
CA LYS B 278 -25.43 -8.67 6.84
C LYS B 278 -23.91 -8.73 6.76
N VAL B 279 -23.41 -9.43 5.75
CA VAL B 279 -21.97 -9.58 5.54
C VAL B 279 -21.59 -8.73 4.32
N LEU B 280 -20.77 -7.72 4.55
CA LEU B 280 -20.34 -6.83 3.48
C LEU B 280 -18.92 -7.09 3.02
N PHE B 281 -18.79 -7.79 1.90
CA PHE B 281 -17.49 -8.13 1.33
C PHE B 281 -16.78 -6.84 0.93
N ASN B 282 -15.52 -6.70 1.34
CA ASN B 282 -14.73 -5.52 1.05
C ASN B 282 -14.42 -5.40 -0.45
N ASN B 283 -15.08 -4.47 -1.11
CA ASN B 283 -14.89 -4.25 -2.55
C ASN B 283 -14.19 -2.92 -2.81
N THR B 284 -13.41 -2.45 -1.84
CA THR B 284 -12.70 -1.18 -1.96
C THR B 284 -12.02 -1.03 -3.33
N LEU B 285 -12.25 0.11 -3.97
CA LEU B 285 -11.66 0.37 -5.27
C LEU B 285 -10.55 1.41 -5.19
N SER B 286 -9.63 1.33 -6.14
CA SER B 286 -8.53 2.28 -6.20
C SER B 286 -8.66 3.07 -7.48
N PHE B 287 -8.53 4.39 -7.34
CA PHE B 287 -8.61 5.30 -8.47
C PHE B 287 -7.21 5.88 -8.64
N ILE B 288 -6.59 5.55 -9.76
CA ILE B 288 -5.23 5.99 -10.05
C ILE B 288 -5.21 7.00 -11.20
N VAL B 289 -4.68 8.18 -10.91
CA VAL B 289 -4.59 9.22 -11.93
C VAL B 289 -3.14 9.43 -12.31
N ILE B 290 -2.85 9.27 -13.60
CA ILE B 290 -1.51 9.42 -14.14
C ILE B 290 -1.39 10.71 -14.96
N GLU B 291 -0.34 11.47 -14.73
CA GLU B 291 -0.14 12.73 -15.44
C GLU B 291 0.70 12.51 -16.68
N ALA B 292 0.52 13.37 -17.67
CA ALA B 292 1.30 13.26 -18.90
C ALA B 292 2.74 13.65 -18.57
N SAH C . 9.33 0.96 11.58
CA SAH C . 8.35 -0.16 12.08
CB SAH C . 8.98 -1.53 12.19
CG SAH C . 9.89 -1.87 11.28
SD SAH C . 10.68 -3.48 11.51
C SAH C . 7.96 0.03 13.51
O SAH C . 8.94 0.47 14.23
OXT SAH C . 7.03 -0.66 13.97
C5' SAH C . 11.87 -3.13 10.16
C4' SAH C . 11.22 -2.70 8.85
O4' SAH C . 12.28 -2.43 7.95
C3' SAH C . 10.28 -3.81 8.25
O3' SAH C . 8.94 -3.38 7.96
C2' SAH C . 11.08 -4.17 7.04
O2' SAH C . 10.42 -4.78 6.00
C1' SAH C . 11.82 -2.87 6.72
N9 SAH C . 13.06 -2.97 5.97
C8 SAH C . 14.01 -4.05 5.96
N7 SAH C . 15.01 -3.78 5.20
C5 SAH C . 14.78 -2.54 4.70
C6 SAH C . 15.51 -1.66 3.80
N6 SAH C . 16.71 -2.03 3.30
N1 SAH C . 14.99 -0.40 3.44
C2 SAH C . 13.78 -0.01 3.96
N3 SAH C . 13.01 -0.76 4.83
C4 SAH C . 13.56 -2.00 5.16
C1 QUN D . 12.41 -7.41 9.71
C2 QUN D . 12.91 -6.92 8.39
C3 QUN D . 14.18 -7.47 7.79
C4 QUN D . 14.96 -8.53 8.51
C5 QUN D . 14.42 -9.06 9.90
C6 QUN D . 13.18 -8.46 10.43
N1 QUN D . 16.16 -9.06 7.93
C7 QUN D . 16.92 -10.08 8.62
C8 QUN D . 16.47 -10.66 9.99
C9 QUN D . 15.25 -10.17 10.65
C10 QUN D . 18.15 -10.61 8.00
C11 QUN D . 18.94 -11.69 8.71
C12 QUN D . 18.51 -12.23 10.02
C13 QUN D . 17.30 -11.71 10.65
CL QUN D . 20.32 -12.29 8.02
O QUN D . 11.13 -6.83 10.33
C14 QUN D . 9.95 -7.40 9.83
N2 QUN D . 14.87 -10.87 12.08
C15 QUN D . 14.54 -10.21 13.44
C16 QUN D . 13.08 -9.75 13.48
C17 QUN D . 15.49 -9.14 13.69
C18 QUN D . 15.34 -8.34 14.96
C19 QUN D . 16.45 -7.44 14.78
N3 QUN D . 16.73 -6.35 15.75
C20 QUN D . 17.93 -5.73 15.15
C21 QUN D . 17.02 -6.78 17.15
C22 QUN D . 19.29 -6.56 15.01
C23 QUN D . 17.28 -5.51 18.06
N SAH E . -15.53 -0.02 -18.06
CA SAH E . -16.92 -0.64 -17.73
CB SAH E . -16.84 -2.12 -17.34
CG SAH E . -15.95 -2.89 -18.12
SD SAH E . -15.88 -4.66 -17.74
C SAH E . -17.59 0.00 -16.55
O SAH E . -16.79 0.40 -15.67
OXT SAH E . -18.80 -0.29 -16.28
C5' SAH E . -14.38 -4.93 -18.72
C4' SAH E . -14.44 -4.54 -20.17
O4' SAH E . -13.16 -4.87 -20.65
C3' SAH E . -15.56 -5.31 -21.03
O3' SAH E . -16.51 -4.47 -21.76
C2' SAH E . -14.63 -6.15 -21.91
O2' SAH E . -15.12 -6.66 -23.13
C1' SAH E . -13.37 -5.27 -21.98
N9 SAH E . -12.11 -5.93 -22.33
C8 SAH E . -11.70 -7.25 -22.03
N7 SAH E . -10.50 -7.48 -22.43
C5 SAH E . -10.04 -6.31 -23.00
C6 SAH E . -8.80 -5.88 -23.62
N6 SAH E . -7.75 -6.70 -23.73
N1 SAH E . -8.66 -4.56 -24.13
C2 SAH E . -9.73 -3.70 -24.05
N3 SAH E . -10.94 -3.98 -23.47
C4 SAH E . -11.05 -5.32 -22.96
UNK UNX F . -11.72 -9.71 -11.96
UNK UNX G . -13.14 -8.23 -9.95
UNK UNX H . -14.99 -10.40 -18.90
UNK UNX I . -15.10 -11.88 -16.74
UNK UNX J . -12.97 -13.72 -18.33
UNK UNX K . -16.80 -8.57 -18.85
UNK UNX L . -15.22 -16.12 -18.88
#